data_7WZO
#
_entry.id   7WZO
#
_cell.length_a   69.537
_cell.length_b   69.537
_cell.length_c   269.253
_cell.angle_alpha   90.000
_cell.angle_beta   90.000
_cell.angle_gamma   120.000
#
_symmetry.space_group_name_H-M   'P 31 2 1'
#
loop_
_entity.id
_entity.type
_entity.pdbx_description
1 polymer Nucleoprotein
2 polymer nsp3
3 water water
#
loop_
_entity_poly.entity_id
_entity_poly.type
_entity_poly.pdbx_seq_one_letter_code
_entity_poly.pdbx_strand_id
1 'polypeptide(L)'
;GASNNTASWFTALTQHGKEDLKFPRGQGVPINTNSSPDDQIGYYRRATRRIRGGDGKMKDLSPRWYFYYLGTGPEAGLPY
GANKDGIIWVATEGALNTPKDHIGTRNPANNAAIVLQLPQGTTLPKGFYAE
;
A
2 'polypeptide(L)'
;GSHMAPTKVTFGDDTVIEVQGYKSVNITFELDERIDKVLNEKCSAYTVELGTEVNEFACVVADAVIKTLQPVSELLTPLG
IDLDEWSMATYYLFDESGEFKLASHMYCSFYPPDE
;
B,C
#
# COMPACT_ATOMS: atom_id res chain seq x y z
N THR A 6 -6.08 8.76 -15.51
CA THR A 6 -6.86 9.59 -14.59
C THR A 6 -7.51 8.74 -13.49
N ALA A 7 -7.55 9.27 -12.26
CA ALA A 7 -7.80 8.46 -11.07
C ALA A 7 -8.87 9.08 -10.18
N SER A 8 -9.21 8.35 -9.13
CA SER A 8 -10.14 8.85 -8.14
C SER A 8 -9.55 10.07 -7.44
N TRP A 9 -10.40 11.05 -7.16
CA TRP A 9 -9.95 12.16 -6.34
C TRP A 9 -9.51 11.70 -4.96
N PHE A 10 -9.95 10.53 -4.51
CA PHE A 10 -9.67 10.10 -3.14
C PHE A 10 -8.93 8.78 -3.14
N THR A 11 -8.38 8.47 -1.97
CA THR A 11 -7.79 7.17 -1.72
C THR A 11 -8.89 6.13 -1.57
N ALA A 12 -8.50 4.88 -1.37
CA ALA A 12 -9.40 3.76 -1.53
C ALA A 12 -9.80 3.19 -0.19
N LEU A 13 -10.99 2.59 -0.15
CA LEU A 13 -11.37 1.74 0.97
C LEU A 13 -11.04 0.31 0.59
N THR A 14 -10.37 -0.40 1.48
CA THR A 14 -9.90 -1.75 1.20
C THR A 14 -10.77 -2.75 1.94
N GLN A 15 -11.26 -3.73 1.19
CA GLN A 15 -12.15 -4.76 1.70
C GLN A 15 -11.34 -5.97 2.14
N HIS A 16 -11.33 -6.23 3.45
CA HIS A 16 -10.62 -7.37 4.01
C HIS A 16 -11.54 -8.49 4.44
N GLY A 17 -12.85 -8.30 4.38
CA GLY A 17 -13.80 -9.30 4.75
C GLY A 17 -14.60 -9.79 3.56
N LYS A 18 -15.41 -10.81 3.84
CA LYS A 18 -16.21 -11.42 2.78
C LYS A 18 -17.24 -10.47 2.19
N GLU A 19 -17.54 -9.34 2.81
CA GLU A 19 -18.74 -8.57 2.51
C GLU A 19 -18.41 -7.31 1.71
N ASP A 20 -19.19 -7.05 0.66
CA ASP A 20 -18.95 -5.93 -0.22
C ASP A 20 -19.18 -4.59 0.48
N LEU A 21 -18.70 -3.53 -0.15
CA LEU A 21 -18.92 -2.19 0.37
C LEU A 21 -20.39 -1.80 0.23
N LYS A 22 -20.93 -1.22 1.31
CA LYS A 22 -22.31 -0.80 1.36
C LYS A 22 -22.41 0.38 2.30
N PHE A 23 -23.37 1.26 2.02
CA PHE A 23 -23.62 2.42 2.87
C PHE A 23 -25.11 2.65 3.09
N PRO A 24 -25.52 3.00 4.31
CA PRO A 24 -26.90 3.46 4.54
C PRO A 24 -27.20 4.74 3.78
N ARG A 25 -28.49 4.93 3.47
CA ARG A 25 -28.92 6.16 2.78
C ARG A 25 -28.36 7.39 3.47
N GLY A 26 -27.79 8.29 2.69
CA GLY A 26 -27.18 9.52 3.19
C GLY A 26 -25.70 9.40 3.50
N GLN A 27 -25.29 8.26 4.03
CA GLN A 27 -23.90 8.02 4.41
C GLN A 27 -23.03 7.65 3.19
N GLY A 28 -21.72 7.82 3.34
CA GLY A 28 -20.74 7.25 2.45
C GLY A 28 -20.01 8.23 1.54
N VAL A 29 -20.53 9.43 1.29
CA VAL A 29 -19.83 10.35 0.38
C VAL A 29 -18.57 10.86 1.08
N PRO A 30 -17.42 10.83 0.41
CA PRO A 30 -16.19 11.30 1.07
C PRO A 30 -16.28 12.78 1.36
N ILE A 31 -15.58 13.19 2.42
CA ILE A 31 -15.49 14.60 2.80
C ILE A 31 -14.59 15.33 1.83
N ASN A 32 -15.15 16.29 1.12
CA ASN A 32 -14.33 17.31 0.49
C ASN A 32 -15.06 18.63 0.27
N THR A 33 -14.50 19.62 0.96
CA THR A 33 -14.55 21.05 0.66
C THR A 33 -14.02 21.36 -0.73
N ASN A 34 -14.61 22.38 -1.36
CA ASN A 34 -14.67 22.60 -2.80
C ASN A 34 -15.79 21.71 -3.35
N SER A 35 -16.85 21.56 -2.54
CA SER A 35 -18.08 20.90 -2.95
C SER A 35 -19.24 21.55 -2.20
N SER A 36 -20.26 21.99 -2.93
CA SER A 36 -21.52 22.34 -2.28
C SER A 36 -22.31 21.06 -2.01
N PRO A 37 -23.31 21.12 -1.12
CA PRO A 37 -24.22 19.96 -0.94
C PRO A 37 -24.83 19.45 -2.24
N ASP A 38 -24.75 20.24 -3.31
CA ASP A 38 -25.27 19.80 -4.61
C ASP A 38 -24.48 18.62 -5.14
N ASP A 39 -23.22 18.50 -4.73
CA ASP A 39 -22.27 17.60 -5.37
C ASP A 39 -22.03 16.32 -4.60
N GLN A 40 -22.79 16.06 -3.52
CA GLN A 40 -22.47 14.96 -2.62
C GLN A 40 -23.19 13.67 -3.06
N ILE A 41 -22.74 13.14 -4.20
CA ILE A 41 -23.39 11.99 -4.83
C ILE A 41 -22.39 11.30 -5.77
N GLY A 42 -22.44 9.98 -5.78
CA GLY A 42 -21.56 9.24 -6.68
C GLY A 42 -21.50 7.77 -6.30
N TYR A 43 -20.49 7.10 -6.84
CA TYR A 43 -20.36 5.65 -6.66
C TYR A 43 -18.96 5.28 -6.24
N TYR A 44 -18.88 4.17 -5.54
CA TYR A 44 -17.61 3.47 -5.35
C TYR A 44 -17.53 2.35 -6.39
N ARG A 45 -16.32 2.15 -6.90
CA ARG A 45 -16.06 1.12 -7.90
C ARG A 45 -14.97 0.19 -7.38
N ARG A 46 -15.30 -1.09 -7.28
CA ARG A 46 -14.31 -2.07 -6.86
C ARG A 46 -13.28 -2.30 -7.95
N ALA A 47 -12.01 -2.07 -7.63
CA ALA A 47 -10.89 -2.40 -8.49
C ALA A 47 -10.46 -3.85 -8.28
N THR A 48 -9.75 -4.41 -9.26
CA THR A 48 -9.14 -5.72 -9.10
C THR A 48 -7.64 -5.53 -9.16
N ARG A 49 -6.91 -6.14 -8.23
CA ARG A 49 -5.46 -6.03 -8.25
C ARG A 49 -4.92 -7.46 -8.27
N ARG A 50 -4.35 -7.84 -9.41
CA ARG A 50 -3.74 -9.15 -9.61
C ARG A 50 -2.27 -8.93 -9.95
N ILE A 51 -1.41 -9.36 -9.03
CA ILE A 51 0.04 -9.18 -9.12
C ILE A 51 0.62 -10.58 -8.87
N ARG A 52 1.78 -10.86 -9.47
CA ARG A 52 2.43 -12.14 -9.22
C ARG A 52 3.30 -12.04 -7.98
N GLY A 53 3.31 -13.10 -7.18
CA GLY A 53 4.06 -13.09 -5.93
C GLY A 53 5.52 -13.48 -6.11
N GLY A 54 6.24 -13.46 -4.99
CA GLY A 54 7.60 -13.97 -4.96
C GLY A 54 7.72 -15.41 -5.44
N ASP A 55 6.65 -16.19 -5.33
CA ASP A 55 6.60 -17.57 -5.81
C ASP A 55 6.20 -17.70 -7.28
N GLY A 56 5.98 -16.60 -7.99
CA GLY A 56 5.64 -16.66 -9.39
C GLY A 56 4.17 -16.87 -9.72
N LYS A 57 3.32 -17.15 -8.73
CA LYS A 57 1.90 -17.41 -8.98
C LYS A 57 1.09 -16.11 -8.87
N MET A 58 0.06 -15.99 -9.71
CA MET A 58 -0.79 -14.80 -9.70
C MET A 58 -1.55 -14.73 -8.38
N LYS A 59 -1.56 -13.55 -7.76
CA LYS A 59 -2.23 -13.32 -6.50
C LYS A 59 -3.40 -12.35 -6.69
N ASP A 60 -4.54 -12.67 -6.05
CA ASP A 60 -5.70 -11.78 -5.99
C ASP A 60 -5.60 -10.95 -4.71
N LEU A 61 -5.22 -9.69 -4.85
CA LEU A 61 -5.01 -8.89 -3.65
C LEU A 61 -6.32 -8.23 -3.20
N SER A 62 -6.30 -7.73 -1.97
CA SER A 62 -7.51 -7.24 -1.33
C SER A 62 -8.16 -6.17 -2.20
N PRO A 63 -9.47 -6.25 -2.41
CA PRO A 63 -10.13 -5.30 -3.31
C PRO A 63 -10.09 -3.88 -2.79
N ARG A 64 -9.93 -2.93 -3.70
CA ARG A 64 -9.89 -1.52 -3.37
C ARG A 64 -11.10 -0.86 -4.00
N TRP A 65 -11.86 -0.11 -3.22
CA TRP A 65 -13.03 0.62 -3.72
C TRP A 65 -12.70 2.09 -3.84
N TYR A 66 -12.95 2.66 -5.02
CA TYR A 66 -12.63 4.07 -5.27
C TYR A 66 -13.91 4.85 -5.52
N PHE A 67 -14.05 5.99 -4.85
CA PHE A 67 -15.21 6.84 -5.06
C PHE A 67 -14.99 7.71 -6.29
N TYR A 68 -16.06 7.91 -7.06
CA TYR A 68 -16.10 8.88 -8.14
C TYR A 68 -17.43 9.62 -8.05
N TYR A 69 -17.41 10.89 -8.45
CA TYR A 69 -18.60 11.71 -8.44
C TYR A 69 -19.55 11.30 -9.57
N LEU A 70 -20.86 11.37 -9.30
CA LEU A 70 -21.89 11.03 -10.28
C LEU A 70 -21.60 11.62 -11.66
N GLY A 71 -21.46 10.76 -12.65
CA GLY A 71 -21.16 11.22 -13.99
C GLY A 71 -19.69 11.39 -14.31
N THR A 72 -18.79 10.95 -13.43
CA THR A 72 -17.35 11.06 -13.64
C THR A 72 -16.72 9.68 -13.71
N GLY A 73 -15.52 9.63 -14.26
CA GLY A 73 -14.67 8.47 -14.12
C GLY A 73 -15.11 7.25 -14.92
N PRO A 74 -14.63 6.07 -14.48
CA PRO A 74 -14.76 4.87 -15.31
C PRO A 74 -16.20 4.47 -15.63
N GLU A 75 -17.16 4.84 -14.78
CA GLU A 75 -18.56 4.55 -15.02
C GLU A 75 -19.37 5.84 -15.06
N ALA A 76 -18.85 6.85 -15.75
CA ALA A 76 -19.58 8.12 -15.86
C ALA A 76 -20.92 7.96 -16.56
N GLY A 77 -21.10 6.89 -17.34
CA GLY A 77 -22.37 6.70 -18.03
C GLY A 77 -23.49 6.21 -17.15
N LEU A 78 -23.18 5.48 -16.09
CA LEU A 78 -24.21 4.85 -15.28
C LEU A 78 -25.12 5.90 -14.61
N PRO A 79 -26.43 5.77 -14.70
CA PRO A 79 -27.33 6.58 -13.86
C PRO A 79 -27.27 6.15 -12.40
N TYR A 80 -27.49 7.13 -11.51
CA TYR A 80 -27.49 6.85 -10.08
C TYR A 80 -28.45 5.71 -9.76
N GLY A 81 -27.98 4.75 -8.96
CA GLY A 81 -28.78 3.62 -8.55
C GLY A 81 -28.74 2.43 -9.49
N ALA A 82 -28.04 2.55 -10.62
CA ALA A 82 -27.84 1.42 -11.53
C ALA A 82 -27.25 0.24 -10.80
N ASN A 83 -27.92 -0.92 -10.91
CA ASN A 83 -27.53 -2.14 -10.21
C ASN A 83 -26.47 -2.86 -11.04
N LYS A 84 -25.22 -2.85 -10.57
CA LYS A 84 -24.15 -3.49 -11.33
C LYS A 84 -23.06 -3.95 -10.37
N ASP A 85 -22.45 -5.09 -10.68
CA ASP A 85 -21.49 -5.68 -9.75
C ASP A 85 -20.26 -4.78 -9.57
N GLY A 86 -19.81 -4.66 -8.32
CA GLY A 86 -18.66 -3.82 -8.07
C GLY A 86 -18.91 -2.34 -8.24
N ILE A 87 -20.18 -1.92 -8.19
CA ILE A 87 -20.57 -0.52 -8.14
C ILE A 87 -21.56 -0.35 -6.99
N ILE A 88 -21.29 0.58 -6.09
CA ILE A 88 -22.35 0.99 -5.17
C ILE A 88 -22.49 2.50 -5.18
N TRP A 89 -23.69 2.95 -4.85
CA TRP A 89 -24.08 4.36 -4.90
C TRP A 89 -24.17 4.93 -3.49
N VAL A 90 -23.75 6.20 -3.37
CA VAL A 90 -23.87 6.95 -2.12
C VAL A 90 -24.30 8.38 -2.43
N ALA A 91 -25.17 8.92 -1.59
CA ALA A 91 -25.58 10.31 -1.76
C ALA A 91 -25.86 10.91 -0.39
N THR A 92 -25.29 12.09 -0.15
CA THR A 92 -25.67 12.91 0.99
C THR A 92 -26.95 13.68 0.66
N GLU A 93 -27.84 13.78 1.66
CA GLU A 93 -29.12 14.47 1.47
C GLU A 93 -28.92 15.85 0.85
N GLY A 94 -29.80 16.20 -0.09
CA GLY A 94 -29.66 17.45 -0.79
C GLY A 94 -28.74 17.45 -1.99
N ALA A 95 -28.10 16.32 -2.30
CA ALA A 95 -27.34 16.25 -3.53
C ALA A 95 -28.28 16.31 -4.73
N LEU A 96 -27.71 16.65 -5.89
CA LEU A 96 -28.51 16.80 -7.10
C LEU A 96 -28.09 15.80 -8.17
N ASN A 97 -29.09 15.13 -8.75
CA ASN A 97 -28.88 14.14 -9.80
C ASN A 97 -28.41 14.81 -11.08
N THR A 98 -27.17 15.27 -11.07
CA THR A 98 -26.58 16.00 -12.15
C THR A 98 -25.10 15.62 -12.24
N PRO A 99 -24.60 15.38 -13.45
CA PRO A 99 -23.18 15.02 -13.59
C PRO A 99 -22.29 16.09 -12.99
N LYS A 100 -21.29 15.67 -12.24
CA LYS A 100 -20.35 16.59 -11.58
C LYS A 100 -19.10 16.79 -12.44
N ASP A 101 -19.37 17.22 -13.68
CA ASP A 101 -18.32 17.52 -14.66
C ASP A 101 -17.31 18.53 -14.13
N HIS A 102 -17.80 19.54 -13.40
CA HIS A 102 -16.92 20.57 -12.86
C HIS A 102 -15.89 19.99 -11.91
N ILE A 103 -16.26 18.97 -11.12
CA ILE A 103 -15.28 18.38 -10.22
C ILE A 103 -14.38 17.39 -10.96
N GLY A 104 -14.85 16.80 -12.05
CA GLY A 104 -14.08 15.90 -12.90
C GLY A 104 -13.37 14.79 -12.15
N THR A 105 -12.22 14.39 -12.68
CA THR A 105 -11.38 13.35 -12.11
C THR A 105 -10.03 13.95 -11.69
N ARG A 106 -9.24 13.19 -10.95
CA ARG A 106 -7.94 13.65 -10.48
C ARG A 106 -6.83 13.28 -11.46
N ASN A 107 -5.96 14.24 -11.77
CA ASN A 107 -4.79 13.97 -12.57
C ASN A 107 -3.61 13.71 -11.63
N PRO A 108 -3.06 12.50 -11.61
CA PRO A 108 -2.04 12.16 -10.57
C PRO A 108 -0.78 13.01 -10.63
N ALA A 109 -0.45 13.58 -11.80
CA ALA A 109 0.73 14.44 -11.91
C ALA A 109 0.55 15.73 -11.14
N ASN A 110 -0.61 16.36 -11.28
CA ASN A 110 -0.87 17.69 -10.74
C ASN A 110 -1.39 17.68 -9.31
N ASN A 111 -1.84 16.53 -8.79
CA ASN A 111 -2.56 16.52 -7.53
C ASN A 111 -2.40 15.17 -6.85
N ALA A 112 -2.05 15.21 -5.58
CA ALA A 112 -2.09 14.01 -4.76
C ALA A 112 -3.53 13.70 -4.40
N ALA A 113 -3.82 12.43 -4.19
CA ALA A 113 -5.18 12.04 -3.84
C ALA A 113 -5.50 12.42 -2.39
N ILE A 114 -6.69 13.00 -2.18
CA ILE A 114 -7.19 13.27 -0.85
C ILE A 114 -7.31 11.97 -0.06
N VAL A 115 -6.97 12.00 1.23
CA VAL A 115 -7.34 10.88 2.09
C VAL A 115 -8.85 10.85 2.22
N LEU A 116 -9.42 9.64 2.12
CA LEU A 116 -10.86 9.47 2.21
C LEU A 116 -11.20 9.39 3.69
N GLN A 117 -11.92 10.38 4.19
CA GLN A 117 -12.40 10.30 5.55
C GLN A 117 -13.89 10.53 5.46
N LEU A 118 -14.63 9.88 6.33
CA LEU A 118 -16.06 9.95 6.38
C LEU A 118 -16.48 10.63 7.67
N PRO A 119 -17.53 11.47 7.65
CA PRO A 119 -18.01 12.07 8.89
C PRO A 119 -18.24 11.00 9.94
N GLN A 120 -17.64 11.23 11.11
CA GLN A 120 -17.69 10.26 12.20
C GLN A 120 -19.13 9.87 12.51
N GLY A 121 -19.34 8.58 12.78
CA GLY A 121 -20.67 8.02 12.95
C GLY A 121 -21.11 7.12 11.81
N THR A 122 -20.53 7.27 10.61
CA THR A 122 -20.98 6.48 9.46
C THR A 122 -20.61 5.02 9.61
N THR A 123 -21.46 4.14 9.07
CA THR A 123 -21.33 2.70 9.24
C THR A 123 -20.54 2.10 8.08
N LEU A 124 -19.46 1.39 8.40
CA LEU A 124 -18.73 0.61 7.43
C LEU A 124 -19.02 -0.87 7.65
N PRO A 125 -19.08 -1.66 6.58
CA PRO A 125 -19.33 -3.09 6.76
C PRO A 125 -18.19 -3.76 7.51
N LYS A 126 -18.49 -4.88 8.17
CA LYS A 126 -17.46 -5.71 8.76
C LYS A 126 -16.45 -6.08 7.68
N GLY A 127 -15.17 -5.95 7.99
CA GLY A 127 -14.13 -6.20 7.02
C GLY A 127 -13.44 -4.95 6.50
N PHE A 128 -13.99 -3.76 6.75
CA PHE A 128 -13.35 -2.52 6.37
C PHE A 128 -12.79 -1.84 7.62
N TYR A 129 -11.50 -1.52 7.59
CA TYR A 129 -10.74 -1.04 8.73
C TYR A 129 -10.36 0.44 8.58
N ALA A 130 -9.56 0.93 9.54
CA ALA A 130 -8.88 2.23 9.42
C ALA A 130 -7.35 2.02 9.35
N MET B 4 21.31 11.77 -2.41
CA MET B 4 21.49 12.92 -1.54
C MET B 4 22.75 12.86 -0.69
N ALA B 5 22.68 13.59 0.50
CA ALA B 5 23.73 13.83 1.49
C ALA B 5 23.80 12.65 2.47
N PRO B 6 24.99 12.08 2.71
CA PRO B 6 25.12 11.12 3.81
C PRO B 6 24.67 11.72 5.11
N THR B 7 23.97 10.94 5.92
CA THR B 7 23.61 11.43 7.24
C THR B 7 24.84 11.47 8.15
N LYS B 8 25.05 12.59 8.84
CA LYS B 8 26.14 12.64 9.79
C LYS B 8 25.58 12.31 11.16
N VAL B 9 26.10 11.22 11.73
CA VAL B 9 25.80 10.84 13.10
C VAL B 9 27.09 10.99 13.91
N THR B 10 26.98 11.69 15.04
CA THR B 10 28.12 12.10 15.85
C THR B 10 28.15 11.38 17.19
N PHE B 11 29.32 10.86 17.53
CA PHE B 11 29.57 10.29 18.85
C PHE B 11 30.74 11.02 19.51
N GLY B 12 30.63 11.17 20.83
CA GLY B 12 31.76 11.59 21.60
C GLY B 12 32.14 13.04 21.34
N ASP B 13 33.42 13.30 21.45
CA ASP B 13 33.88 14.68 21.34
C ASP B 13 33.99 15.10 19.87
N ASP B 14 34.40 14.18 18.99
CA ASP B 14 34.78 14.60 17.65
C ASP B 14 34.64 13.51 16.58
N THR B 15 33.90 12.44 16.85
CA THR B 15 33.76 11.34 15.91
C THR B 15 32.51 11.55 15.08
N VAL B 16 32.66 11.45 13.75
CA VAL B 16 31.53 11.62 12.86
C VAL B 16 31.45 10.39 11.97
N ILE B 17 30.33 9.69 12.07
CA ILE B 17 30.03 8.55 11.22
C ILE B 17 29.06 9.00 10.13
N GLU B 18 29.43 8.76 8.89
CA GLU B 18 28.57 9.10 7.75
C GLU B 18 27.88 7.84 7.27
N VAL B 19 26.55 7.87 7.26
CA VAL B 19 25.75 6.70 6.96
C VAL B 19 24.84 7.04 5.80
N GLN B 20 24.90 6.23 4.74
CA GLN B 20 23.91 6.30 3.67
C GLN B 20 23.18 4.97 3.49
N GLY B 21 21.88 5.05 3.22
CA GLY B 21 21.03 3.86 3.13
C GLY B 21 20.50 3.59 1.71
N TYR B 22 20.63 2.34 1.29
CA TYR B 22 20.20 1.91 -0.04
C TYR B 22 19.34 0.66 -0.01
N LYS B 23 18.46 0.55 -1.01
CA LYS B 23 17.71 -0.66 -1.34
C LYS B 23 18.22 -1.24 -2.66
N SER B 24 18.47 -2.55 -2.70
CA SER B 24 18.81 -3.25 -3.94
C SER B 24 17.51 -3.67 -4.63
N VAL B 25 17.14 -2.94 -5.69
CA VAL B 25 15.87 -3.12 -6.39
C VAL B 25 16.07 -3.97 -7.63
N ASN B 26 15.30 -5.06 -7.74
CA ASN B 26 15.26 -5.83 -8.97
C ASN B 26 13.89 -5.74 -9.64
N ILE B 27 13.87 -5.27 -10.87
CA ILE B 27 12.63 -5.01 -11.57
C ILE B 27 12.31 -6.14 -12.52
N THR B 28 11.09 -6.66 -12.44
CA THR B 28 10.50 -7.51 -13.46
C THR B 28 9.70 -6.62 -14.40
N PHE B 29 10.11 -6.59 -15.66
CA PHE B 29 9.44 -5.70 -16.60
C PHE B 29 8.20 -6.38 -17.16
N GLU B 30 7.16 -5.58 -17.40
CA GLU B 30 5.89 -6.07 -17.89
C GLU B 30 5.34 -5.04 -18.86
N LEU B 31 6.10 -4.76 -19.92
CA LEU B 31 5.68 -3.78 -20.90
C LEU B 31 5.20 -4.41 -22.18
N ASP B 32 5.96 -5.38 -22.70
CA ASP B 32 5.58 -6.14 -23.88
C ASP B 32 6.19 -7.52 -23.74
N GLU B 33 5.36 -8.55 -23.78
CA GLU B 33 5.87 -9.88 -23.44
C GLU B 33 6.96 -10.31 -24.40
N ARG B 34 6.91 -9.85 -25.65
CA ARG B 34 7.89 -10.27 -26.63
C ARG B 34 9.30 -9.70 -26.37
N ILE B 35 9.45 -8.68 -25.53
CA ILE B 35 10.76 -8.13 -25.22
C ILE B 35 11.05 -8.05 -23.73
N ASP B 36 10.08 -8.39 -22.87
CA ASP B 36 10.28 -8.17 -21.43
C ASP B 36 11.53 -8.87 -20.91
N LYS B 37 11.86 -10.04 -21.48
CA LYS B 37 12.99 -10.78 -20.92
C LYS B 37 14.32 -10.12 -21.23
N VAL B 38 14.45 -9.45 -22.37
CA VAL B 38 15.70 -8.72 -22.59
C VAL B 38 15.82 -7.61 -21.57
N LEU B 39 14.71 -6.89 -21.32
CA LEU B 39 14.71 -5.85 -20.31
C LEU B 39 15.07 -6.43 -18.95
N ASN B 40 14.50 -7.59 -18.62
CA ASN B 40 14.85 -8.22 -17.35
C ASN B 40 16.33 -8.56 -17.27
N GLU B 41 16.98 -8.80 -18.41
CA GLU B 41 18.40 -9.15 -18.41
C GLU B 41 19.30 -7.94 -18.50
N LYS B 42 18.87 -6.88 -19.17
CA LYS B 42 19.78 -5.77 -19.44
C LYS B 42 19.68 -4.68 -18.37
N CYS B 43 18.49 -4.19 -18.08
CA CYS B 43 18.36 -3.02 -17.23
C CYS B 43 17.38 -3.26 -16.08
N SER B 44 17.60 -4.33 -15.32
CA SER B 44 16.69 -4.65 -14.21
C SER B 44 17.29 -4.45 -12.82
N ALA B 45 18.61 -4.42 -12.70
CA ALA B 45 19.26 -4.23 -11.40
C ALA B 45 19.46 -2.74 -11.12
N TYR B 46 19.10 -2.30 -9.91
CA TYR B 46 19.30 -0.92 -9.48
C TYR B 46 19.69 -0.90 -8.00
N THR B 47 20.48 0.10 -7.62
CA THR B 47 20.72 0.40 -6.21
C THR B 47 20.18 1.79 -5.94
N VAL B 48 19.21 1.89 -5.02
CA VAL B 48 18.40 3.09 -4.91
C VAL B 48 18.51 3.63 -3.48
N GLU B 49 18.67 4.95 -3.35
CA GLU B 49 18.72 5.55 -2.04
CA GLU B 49 18.70 5.58 -2.04
C GLU B 49 17.34 5.43 -1.38
N LEU B 50 17.33 4.94 -0.13
CA LEU B 50 16.09 4.61 0.55
C LEU B 50 15.07 5.76 0.60
N GLY B 51 15.47 6.99 0.34
CA GLY B 51 14.49 8.04 0.40
C GLY B 51 13.94 8.51 -0.93
N THR B 52 14.36 7.87 -2.03
CA THR B 52 13.92 8.28 -3.36
C THR B 52 12.41 8.10 -3.53
N GLU B 53 11.78 9.11 -4.11
CA GLU B 53 10.38 8.97 -4.47
C GLU B 53 10.22 8.01 -5.65
N VAL B 54 9.21 7.12 -5.58
CA VAL B 54 9.14 6.07 -6.58
C VAL B 54 8.82 6.66 -7.95
N ASN B 55 8.06 7.74 -8.03
CA ASN B 55 7.82 8.31 -9.35
C ASN B 55 9.07 8.96 -9.92
N GLU B 56 10.06 9.24 -9.08
CA GLU B 56 11.34 9.69 -9.59
C GLU B 56 12.24 8.52 -9.98
N PHE B 57 12.19 7.43 -9.21
CA PHE B 57 12.87 6.20 -9.60
C PHE B 57 12.28 5.68 -10.91
N ALA B 58 10.96 5.82 -11.07
CA ALA B 58 10.32 5.44 -12.32
C ALA B 58 11.02 6.07 -13.50
N CYS B 59 11.28 7.39 -13.41
CA CYS B 59 11.95 8.11 -14.49
C CYS B 59 13.32 7.53 -14.78
N VAL B 60 14.05 7.15 -13.73
CA VAL B 60 15.32 6.47 -13.94
C VAL B 60 15.10 5.21 -14.76
N VAL B 61 14.11 4.40 -14.36
CA VAL B 61 13.87 3.13 -15.05
C VAL B 61 13.45 3.37 -16.49
N ALA B 62 12.56 4.34 -16.71
CA ALA B 62 12.13 4.73 -18.05
C ALA B 62 13.34 5.02 -18.93
N ASP B 63 14.16 6.00 -18.52
CA ASP B 63 15.39 6.30 -19.25
C ASP B 63 16.24 5.06 -19.47
N ALA B 64 16.19 4.10 -18.57
CA ALA B 64 17.02 2.93 -18.79
C ALA B 64 16.46 2.01 -19.86
N VAL B 65 15.14 1.90 -20.00
CA VAL B 65 14.65 0.99 -21.03
C VAL B 65 14.82 1.63 -22.40
N ILE B 66 14.62 2.95 -22.50
CA ILE B 66 14.86 3.64 -23.76
C ILE B 66 16.33 3.56 -24.14
N LYS B 67 17.22 3.86 -23.21
CA LYS B 67 18.63 3.71 -23.51
C LYS B 67 18.96 2.27 -23.88
N THR B 68 18.28 1.31 -23.28
CA THR B 68 18.56 -0.09 -23.63
C THR B 68 17.99 -0.44 -24.99
N LEU B 69 17.01 0.33 -25.45
CA LEU B 69 16.25 -0.05 -26.63
C LEU B 69 16.57 0.78 -27.87
N GLN B 70 17.11 2.00 -27.73
CA GLN B 70 17.52 2.73 -28.94
C GLN B 70 18.35 1.90 -29.90
N PRO B 71 19.41 1.21 -29.47
CA PRO B 71 20.26 0.53 -30.45
C PRO B 71 19.49 -0.41 -31.35
N VAL B 72 18.45 -1.06 -30.83
CA VAL B 72 17.70 -2.07 -31.55
C VAL B 72 16.34 -1.56 -31.98
N SER B 73 16.20 -0.22 -32.08
CA SER B 73 14.90 0.38 -32.39
C SER B 73 14.31 -0.17 -33.68
N GLU B 74 15.16 -0.52 -34.65
CA GLU B 74 14.67 -0.96 -35.94
C GLU B 74 14.22 -2.40 -35.94
N LEU B 75 14.69 -3.23 -35.00
CA LEU B 75 14.09 -4.54 -34.83
C LEU B 75 12.76 -4.48 -34.10
N LEU B 76 12.47 -3.37 -33.41
CA LEU B 76 11.26 -3.25 -32.63
C LEU B 76 10.10 -2.70 -33.44
N THR B 77 10.35 -1.76 -34.38
CA THR B 77 9.26 -1.29 -35.22
C THR B 77 8.48 -2.41 -35.92
N PRO B 78 9.10 -3.45 -36.49
CA PRO B 78 8.27 -4.53 -37.06
C PRO B 78 7.38 -5.18 -36.02
N LEU B 79 7.91 -5.35 -34.81
CA LEU B 79 7.12 -5.91 -33.71
C LEU B 79 5.93 -5.03 -33.36
N GLY B 80 5.91 -3.78 -33.80
CA GLY B 80 4.88 -2.83 -33.43
C GLY B 80 5.31 -1.85 -32.36
N ILE B 81 6.58 -1.89 -31.94
CA ILE B 81 7.05 -1.11 -30.80
C ILE B 81 7.69 0.16 -31.34
N ASP B 82 7.10 1.29 -31.01
CA ASP B 82 7.61 2.64 -31.27
C ASP B 82 8.21 3.24 -30.01
N LEU B 83 9.55 3.37 -29.97
CA LEU B 83 10.20 3.93 -28.80
C LEU B 83 9.87 5.39 -28.58
N ASP B 84 9.60 6.15 -29.63
CA ASP B 84 9.30 7.55 -29.38
C ASP B 84 7.94 7.68 -28.68
N GLU B 85 7.08 6.67 -28.80
CA GLU B 85 5.90 6.67 -27.96
C GLU B 85 6.12 5.97 -26.63
N TRP B 86 7.03 4.98 -26.59
CA TRP B 86 7.41 4.38 -25.31
C TRP B 86 8.09 5.41 -24.40
N SER B 87 8.93 6.26 -24.98
CA SER B 87 9.63 7.29 -24.24
C SER B 87 8.70 8.38 -23.71
N MET B 88 7.49 8.50 -24.24
CA MET B 88 6.51 9.48 -23.80
C MET B 88 5.48 8.91 -22.84
N ALA B 89 5.58 7.62 -22.49
CA ALA B 89 4.56 6.97 -21.68
C ALA B 89 4.89 7.01 -20.19
N THR B 90 3.88 6.71 -19.38
CA THR B 90 4.01 6.67 -17.94
C THR B 90 4.45 5.28 -17.49
N TYR B 91 5.51 5.22 -16.71
CA TYR B 91 6.00 3.96 -16.17
C TYR B 91 5.56 3.80 -14.72
N TYR B 92 4.71 2.82 -14.47
CA TYR B 92 4.29 2.48 -13.10
C TYR B 92 5.27 1.52 -12.45
N LEU B 93 5.78 1.90 -11.29
CA LEU B 93 6.65 1.02 -10.52
C LEU B 93 5.91 0.68 -9.23
N PHE B 94 5.89 -0.60 -8.86
CA PHE B 94 5.18 -0.96 -7.64
C PHE B 94 5.67 -2.33 -7.18
N ASP B 95 5.35 -2.65 -5.92
CA ASP B 95 5.83 -3.88 -5.31
C ASP B 95 4.85 -5.04 -5.54
N GLU B 96 5.19 -6.21 -4.99
CA GLU B 96 4.35 -7.37 -5.17
C GLU B 96 2.96 -7.21 -4.55
N SER B 97 2.74 -6.21 -3.71
CA SER B 97 1.41 -5.89 -3.22
C SER B 97 0.77 -4.74 -3.99
N GLY B 98 1.39 -4.31 -5.09
CA GLY B 98 0.81 -3.25 -5.91
C GLY B 98 0.91 -1.88 -5.28
N GLU B 99 1.80 -1.71 -4.32
CA GLU B 99 2.02 -0.42 -3.68
C GLU B 99 3.19 0.28 -4.35
N PHE B 100 3.02 1.60 -4.57
CA PHE B 100 4.08 2.46 -5.09
C PHE B 100 5.09 2.82 -3.98
N LYS B 101 5.88 1.80 -3.62
CA LYS B 101 6.83 1.78 -2.51
C LYS B 101 8.11 1.07 -2.94
N LEU B 102 9.27 1.65 -2.67
CA LEU B 102 10.49 0.91 -2.99
C LEU B 102 10.47 -0.46 -2.33
N ALA B 103 10.97 -1.46 -3.03
CA ALA B 103 11.03 -2.83 -2.53
C ALA B 103 12.18 -3.56 -3.21
N SER B 104 12.65 -4.63 -2.57
CA SER B 104 13.71 -5.43 -3.17
C SER B 104 13.33 -5.94 -4.56
N HIS B 105 12.04 -6.24 -4.77
CA HIS B 105 11.51 -6.69 -6.06
C HIS B 105 10.35 -5.80 -6.47
N MET B 106 10.42 -5.22 -7.66
CA MET B 106 9.34 -4.39 -8.16
C MET B 106 9.00 -4.76 -9.59
N TYR B 107 7.80 -4.33 -10.02
CA TYR B 107 7.30 -4.54 -11.36
C TYR B 107 7.23 -3.21 -12.07
N CYS B 108 7.45 -3.23 -13.38
CA CYS B 108 7.39 -2.04 -14.21
C CYS B 108 6.37 -2.31 -15.32
N SER B 109 5.36 -1.45 -15.40
CA SER B 109 4.22 -1.70 -16.27
C SER B 109 3.72 -0.39 -16.84
N PHE B 110 2.95 -0.49 -17.92
CA PHE B 110 2.34 0.69 -18.50
C PHE B 110 0.95 0.94 -17.93
N TYR B 111 0.48 0.06 -17.03
CA TYR B 111 -0.88 0.11 -16.51
C TYR B 111 -0.85 -0.05 -15.00
N PRO B 112 -1.50 0.84 -14.25
CA PRO B 112 -1.40 0.82 -12.79
C PRO B 112 -1.93 -0.47 -12.19
N PRO B 113 -1.50 -0.79 -10.97
CA PRO B 113 -1.89 -2.09 -10.39
C PRO B 113 -3.38 -2.22 -10.10
N ASP B 114 -4.08 -1.13 -9.81
CA ASP B 114 -5.53 -1.22 -9.58
C ASP B 114 -6.26 -1.00 -10.89
N GLU B 115 -7.22 -1.86 -11.19
CA GLU B 115 -7.83 -1.92 -12.51
C GLU B 115 -9.36 -2.02 -12.42
N ALA C 5 22.67 -10.36 14.73
CA ALA C 5 23.63 -9.71 15.63
C ALA C 5 24.17 -8.41 15.02
N PRO C 6 24.50 -7.42 15.86
CA PRO C 6 25.00 -6.14 15.32
C PRO C 6 26.28 -6.37 14.53
N THR C 7 26.36 -5.75 13.36
CA THR C 7 27.58 -5.82 12.58
C THR C 7 28.62 -4.83 13.10
N LYS C 8 29.84 -5.34 13.32
CA LYS C 8 30.93 -4.51 13.80
C LYS C 8 31.69 -3.99 12.59
N VAL C 9 31.78 -2.67 12.46
CA VAL C 9 32.58 -2.04 11.42
C VAL C 9 33.75 -1.36 12.12
N THR C 10 34.96 -1.69 11.68
CA THR C 10 36.17 -1.25 12.35
C THR C 10 36.82 -0.16 11.49
N PHE C 11 37.13 0.97 12.11
CA PHE C 11 37.73 2.07 11.38
C PHE C 11 39.15 2.33 11.86
N GLY C 12 39.87 3.16 11.13
CA GLY C 12 41.15 3.62 11.61
C GLY C 12 41.02 4.20 13.00
N ASP C 13 42.14 4.22 13.73
CA ASP C 13 42.16 4.82 15.06
C ASP C 13 41.41 3.98 16.10
N ASP C 14 41.27 2.68 15.87
CA ASP C 14 40.65 1.77 16.84
C ASP C 14 39.24 2.24 17.20
N THR C 15 38.52 2.71 16.21
CA THR C 15 37.13 3.11 16.36
C THR C 15 36.25 2.03 15.75
N VAL C 16 35.34 1.48 16.54
CA VAL C 16 34.44 0.43 16.05
C VAL C 16 33.01 0.90 16.24
N ILE C 17 32.20 0.73 15.21
CA ILE C 17 30.78 1.03 15.32
C ILE C 17 30.02 -0.27 15.13
N GLU C 18 28.95 -0.42 15.89
CA GLU C 18 28.02 -1.51 15.71
C GLU C 18 26.80 -0.98 14.99
N VAL C 19 26.40 -1.64 13.91
CA VAL C 19 25.23 -1.22 13.15
C VAL C 19 24.22 -2.37 13.13
N GLN C 20 22.94 -1.99 13.13
CA GLN C 20 21.86 -2.96 13.02
C GLN C 20 20.69 -2.34 12.27
N GLY C 21 20.07 -3.12 11.39
CA GLY C 21 19.06 -2.62 10.48
C GLY C 21 17.67 -3.12 10.87
N TYR C 22 16.72 -2.20 10.89
CA TYR C 22 15.36 -2.52 11.29
C TYR C 22 14.35 -1.91 10.35
N LYS C 23 13.13 -2.39 10.55
CA LYS C 23 11.93 -1.91 9.88
C LYS C 23 10.94 -1.46 10.95
N SER C 24 10.36 -0.27 10.76
CA SER C 24 9.29 0.21 11.62
C SER C 24 7.97 -0.42 11.21
N VAL C 25 7.35 -1.17 12.12
CA VAL C 25 6.07 -1.82 11.89
C VAL C 25 5.05 -1.27 12.88
N ASN C 26 3.94 -0.75 12.35
CA ASN C 26 2.79 -0.38 13.16
C ASN C 26 1.62 -1.33 12.91
N ILE C 27 1.10 -1.91 13.98
CA ILE C 27 0.01 -2.87 13.89
C ILE C 27 -1.33 -2.17 14.13
N THR C 28 -2.32 -2.52 13.32
CA THR C 28 -3.70 -2.16 13.64
C THR C 28 -4.40 -3.44 14.08
N PHE C 29 -4.93 -3.42 15.30
CA PHE C 29 -5.49 -4.64 15.87
C PHE C 29 -6.96 -4.80 15.49
N GLU C 30 -7.34 -6.04 15.23
CA GLU C 30 -8.69 -6.39 14.84
C GLU C 30 -9.04 -7.75 15.48
N LEU C 31 -8.80 -7.84 16.79
CA LEU C 31 -8.99 -9.05 17.57
C LEU C 31 -10.34 -9.06 18.27
N ASP C 32 -10.73 -7.90 18.78
CA ASP C 32 -11.97 -7.77 19.52
C ASP C 32 -12.23 -6.29 19.57
N GLU C 33 -13.33 -5.87 18.96
CA GLU C 33 -13.55 -4.43 18.76
C GLU C 33 -13.59 -3.67 20.08
N ARG C 34 -13.75 -4.38 21.21
CA ARG C 34 -13.94 -3.70 22.48
C ARG C 34 -12.63 -3.28 23.13
N ILE C 35 -11.54 -4.00 22.85
CA ILE C 35 -10.23 -3.63 23.39
C ILE C 35 -9.21 -3.27 22.30
N ASP C 36 -9.57 -3.39 21.02
CA ASP C 36 -8.64 -3.10 19.93
C ASP C 36 -7.93 -1.77 20.15
N LYS C 37 -8.63 -0.78 20.70
CA LYS C 37 -8.02 0.54 20.85
C LYS C 37 -6.89 0.52 21.88
N VAL C 38 -7.03 -0.23 22.98
CA VAL C 38 -5.93 -0.18 23.94
C VAL C 38 -4.72 -0.94 23.40
N LEU C 39 -4.96 -2.03 22.65
CA LEU C 39 -3.88 -2.70 21.94
C LEU C 39 -3.20 -1.73 20.99
N ASN C 40 -3.99 -0.96 20.23
CA ASN C 40 -3.40 0.02 19.33
C ASN C 40 -2.53 1.03 20.07
N GLU C 41 -2.94 1.44 21.27
CA GLU C 41 -2.18 2.49 21.94
C GLU C 41 -0.96 1.92 22.63
N LYS C 42 -1.06 0.71 23.15
CA LYS C 42 -0.06 0.22 24.08
C LYS C 42 0.93 -0.76 23.47
N CYS C 43 0.57 -1.57 22.48
CA CYS C 43 1.52 -2.55 21.95
C CYS C 43 1.38 -2.68 20.43
N SER C 44 1.35 -1.55 19.73
CA SER C 44 1.23 -1.54 18.27
C SER C 44 2.54 -1.25 17.54
N ALA C 45 3.49 -0.54 18.18
CA ALA C 45 4.74 -0.13 17.54
C ALA C 45 5.84 -1.16 17.73
N TYR C 46 6.46 -1.56 16.62
CA TYR C 46 7.54 -2.53 16.68
C TYR C 46 8.73 -2.07 15.86
N THR C 47 9.89 -2.55 16.26
CA THR C 47 11.12 -2.39 15.50
C THR C 47 11.66 -3.80 15.23
N VAL C 48 11.76 -4.15 13.96
CA VAL C 48 11.90 -5.54 13.56
C VAL C 48 13.17 -5.66 12.73
N GLU C 49 14.08 -6.55 13.13
CA GLU C 49 15.22 -6.92 12.30
C GLU C 49 14.79 -7.10 10.85
N LEU C 50 15.37 -6.31 9.96
CA LEU C 50 15.19 -6.50 8.52
C LEU C 50 15.37 -7.96 8.14
N GLY C 51 14.50 -8.44 7.26
CA GLY C 51 14.50 -9.82 6.84
C GLY C 51 13.76 -10.79 7.73
N THR C 52 13.21 -10.34 8.86
CA THR C 52 12.47 -11.23 9.76
C THR C 52 11.28 -11.87 9.03
N GLU C 53 11.05 -13.16 9.30
CA GLU C 53 9.89 -13.83 8.71
C GLU C 53 8.61 -13.43 9.44
N VAL C 54 7.54 -13.31 8.67
CA VAL C 54 6.28 -12.83 9.23
C VAL C 54 5.79 -13.77 10.34
N ASN C 55 6.04 -15.07 10.18
CA ASN C 55 5.69 -16.05 11.19
C ASN C 55 6.36 -15.79 12.52
N GLU C 56 7.68 -15.57 12.49
CA GLU C 56 8.37 -15.25 13.73
C GLU C 56 7.82 -13.96 14.33
N PHE C 57 7.50 -13.00 13.48
CA PHE C 57 7.04 -11.72 13.98
C PHE C 57 5.66 -11.86 14.62
N ALA C 58 4.82 -12.76 14.11
CA ALA C 58 3.49 -12.95 14.70
C ALA C 58 3.60 -13.46 16.12
N CYS C 59 4.51 -14.42 16.37
CA CYS C 59 4.75 -14.89 17.73
C CYS C 59 5.10 -13.73 18.63
N VAL C 60 5.90 -12.79 18.12
CA VAL C 60 6.31 -11.64 18.92
C VAL C 60 5.12 -10.75 19.25
N VAL C 61 4.29 -10.46 18.25
CA VAL C 61 3.10 -9.65 18.46
C VAL C 61 2.14 -10.34 19.41
N ALA C 62 1.92 -11.64 19.21
CA ALA C 62 1.05 -12.39 20.11
C ALA C 62 1.53 -12.27 21.55
N ASP C 63 2.83 -12.41 21.78
CA ASP C 63 3.36 -12.29 23.15
C ASP C 63 3.09 -10.90 23.71
N ALA C 64 3.28 -9.87 22.90
CA ALA C 64 3.06 -8.52 23.40
C ALA C 64 1.60 -8.30 23.80
N VAL C 65 0.66 -8.92 23.08
CA VAL C 65 -0.76 -8.79 23.42
C VAL C 65 -1.03 -9.37 24.81
N ILE C 66 -0.62 -10.62 25.03
CA ILE C 66 -0.82 -11.28 26.32
C ILE C 66 -0.14 -10.49 27.42
N LYS C 67 1.17 -10.27 27.28
CA LYS C 67 1.88 -9.42 28.22
C LYS C 67 1.14 -8.13 28.53
N THR C 68 0.56 -7.49 27.50
CA THR C 68 -0.09 -6.20 27.73
C THR C 68 -1.37 -6.37 28.51
N LEU C 69 -2.08 -7.48 28.29
CA LEU C 69 -3.41 -7.66 28.82
C LEU C 69 -3.43 -8.35 30.17
N GLN C 70 -2.45 -9.20 30.48
CA GLN C 70 -2.51 -9.96 31.73
C GLN C 70 -2.69 -9.09 32.97
N PRO C 71 -2.01 -7.95 33.12
CA PRO C 71 -2.27 -7.12 34.29
C PRO C 71 -3.71 -6.61 34.40
N VAL C 72 -4.56 -6.91 33.41
CA VAL C 72 -5.96 -6.49 33.49
C VAL C 72 -6.85 -7.68 33.12
N SER C 73 -6.34 -8.88 33.36
CA SER C 73 -7.09 -10.09 33.03
C SER C 73 -8.41 -10.14 33.79
N GLU C 74 -8.39 -9.75 35.06
CA GLU C 74 -9.61 -9.76 35.84
C GLU C 74 -10.67 -8.82 35.27
N LEU C 75 -10.27 -7.72 34.62
CA LEU C 75 -11.24 -6.84 33.98
C LEU C 75 -11.69 -7.31 32.61
N LEU C 76 -11.04 -8.31 32.04
CA LEU C 76 -11.47 -8.76 30.73
C LEU C 76 -12.45 -9.91 30.83
N THR C 77 -12.26 -10.82 31.79
CA THR C 77 -13.22 -11.90 31.97
C THR C 77 -14.68 -11.44 32.05
N PRO C 78 -15.02 -10.32 32.71
CA PRO C 78 -16.40 -9.80 32.56
C PRO C 78 -16.78 -9.45 31.13
N LEU C 79 -15.81 -9.20 30.26
CA LEU C 79 -16.10 -8.90 28.86
C LEU C 79 -16.24 -10.16 28.00
N GLY C 80 -16.09 -11.34 28.59
CA GLY C 80 -16.13 -12.58 27.83
C GLY C 80 -14.80 -13.02 27.26
N ILE C 81 -13.70 -12.45 27.75
CA ILE C 81 -12.38 -12.63 27.19
C ILE C 81 -11.54 -13.39 28.20
N ASP C 82 -11.15 -14.61 27.86
CA ASP C 82 -10.25 -15.43 28.68
C ASP C 82 -8.86 -15.37 28.09
N LEU C 83 -7.94 -14.67 28.78
CA LEU C 83 -6.58 -14.57 28.28
C LEU C 83 -5.88 -15.92 28.15
N ASP C 84 -6.40 -16.98 28.78
CA ASP C 84 -5.75 -18.27 28.59
C ASP C 84 -6.07 -18.87 27.23
N GLU C 85 -7.28 -18.61 26.70
CA GLU C 85 -7.57 -18.95 25.31
C GLU C 85 -6.73 -18.10 24.37
N TRP C 86 -6.88 -16.77 24.48
CA TRP C 86 -6.04 -15.84 23.72
C TRP C 86 -4.58 -16.27 23.73
N SER C 87 -4.06 -16.60 24.91
CA SER C 87 -2.68 -17.05 25.04
C SER C 87 -2.32 -18.17 24.09
N MET C 88 -3.30 -18.96 23.65
CA MET C 88 -3.02 -20.15 22.88
C MET C 88 -3.74 -20.19 21.53
N ALA C 89 -4.17 -19.04 21.02
CA ALA C 89 -4.68 -18.99 19.66
C ALA C 89 -3.58 -18.59 18.68
N THR C 90 -3.84 -18.81 17.39
CA THR C 90 -2.97 -18.32 16.34
C THR C 90 -3.34 -16.89 15.98
N TYR C 91 -2.32 -16.06 15.85
CA TYR C 91 -2.47 -14.65 15.47
C TYR C 91 -2.02 -14.48 14.03
N TYR C 92 -2.82 -13.75 13.26
CA TYR C 92 -2.61 -13.56 11.83
C TYR C 92 -2.14 -12.14 11.56
N LEU C 93 -0.95 -12.00 11.01
CA LEU C 93 -0.43 -10.70 10.60
C LEU C 93 -0.48 -10.61 9.09
N PHE C 94 -1.09 -9.55 8.56
CA PHE C 94 -1.11 -9.40 7.12
C PHE C 94 -1.08 -7.92 6.75
N ASP C 95 -0.67 -7.66 5.51
CA ASP C 95 -0.46 -6.27 5.09
C ASP C 95 -1.74 -5.75 4.45
N GLU C 96 -1.70 -4.48 4.01
CA GLU C 96 -2.89 -3.84 3.45
C GLU C 96 -3.43 -4.52 2.21
N SER C 97 -2.76 -5.52 1.66
CA SER C 97 -3.28 -6.26 0.52
C SER C 97 -3.75 -7.65 0.90
N GLY C 98 -3.73 -7.99 2.18
CA GLY C 98 -4.06 -9.33 2.62
C GLY C 98 -2.92 -10.32 2.55
N GLU C 99 -1.69 -9.85 2.36
CA GLU C 99 -0.55 -10.74 2.17
C GLU C 99 0.14 -10.96 3.51
N PHE C 100 0.47 -12.21 3.80
CA PHE C 100 1.32 -12.50 4.96
C PHE C 100 2.76 -12.08 4.69
N LYS C 101 2.99 -10.78 4.50
CA LYS C 101 4.30 -10.22 4.19
C LYS C 101 4.55 -9.07 5.14
N LEU C 102 5.65 -9.13 5.90
CA LEU C 102 6.09 -8.04 6.74
C LEU C 102 5.98 -6.72 5.99
N ALA C 103 5.46 -5.68 6.66
CA ALA C 103 5.25 -4.38 6.02
C ALA C 103 5.16 -3.29 7.08
N SER C 104 5.27 -2.04 6.63
CA SER C 104 5.31 -0.93 7.59
C SER C 104 4.01 -0.80 8.35
N HIS C 105 2.90 -1.24 7.77
CA HIS C 105 1.62 -1.25 8.46
C HIS C 105 0.98 -2.61 8.26
N MET C 106 0.62 -3.27 9.37
CA MET C 106 -0.07 -4.56 9.24
C MET C 106 -1.28 -4.62 10.17
N TYR C 107 -2.13 -5.62 9.91
CA TYR C 107 -3.30 -5.90 10.70
C TYR C 107 -3.08 -7.19 11.47
N CYS C 108 -3.71 -7.28 12.64
CA CYS C 108 -3.63 -8.47 13.48
C CYS C 108 -5.03 -8.99 13.74
N SER C 109 -5.25 -10.27 13.45
CA SER C 109 -6.59 -10.84 13.51
C SER C 109 -6.52 -12.29 13.96
N PHE C 110 -7.65 -12.79 14.45
CA PHE C 110 -7.73 -14.21 14.81
C PHE C 110 -8.11 -15.06 13.62
N TYR C 111 -8.54 -14.44 12.52
CA TYR C 111 -8.99 -15.11 11.32
C TYR C 111 -8.19 -14.65 10.11
N PRO C 112 -7.75 -15.59 9.25
CA PRO C 112 -7.02 -15.21 8.04
C PRO C 112 -7.78 -14.16 7.24
N PRO C 113 -7.09 -13.36 6.45
CA PRO C 113 -7.73 -12.20 5.84
C PRO C 113 -8.44 -12.49 4.55
N ASP C 114 -8.86 -11.39 3.92
CA ASP C 114 -9.09 -11.35 2.48
C ASP C 114 -8.46 -10.02 2.01
#